data_3BR3
#
_entry.id   3BR3
#
_cell.length_a   104.148
_cell.length_b   104.148
_cell.length_c   98.564
_cell.angle_alpha   90.00
_cell.angle_beta   90.00
_cell.angle_gamma   120.00
#
_symmetry.space_group_name_H-M   'P 62'
#
loop_
_entity.id
_entity.type
_entity.pdbx_description
1 polymer 'HTH-type transcriptional regulator qacR'
2 non-polymer 'SULFATE ION'
3 non-polymer ETHIDIUM
4 water water
#
_entity_poly.entity_id   1
_entity_poly.type   'polypeptide(L)'
_entity_poly.pdbx_seq_one_letter_code
;MNLKDKILGVAKELFIKNGYNATTTGEIVKLSESSKGNLYYHFKTKENLFLEILNIEESKWQEQWKSEQIKAKTNREKFY
LYNELSLTTQYYYPLQNAIIEFYTEYYKTNSINEKMNKLENKYIDAYHVIFKEGNLNGEWSINDVNAVSKIAANAVNGIV
TFTHEQNINERIKLMNKFSQIFLNGLSKHHHHHH
;
_entity_poly.pdbx_strand_id   B,A
#
loop_
_chem_comp.id
_chem_comp.type
_chem_comp.name
_chem_comp.formula
ET non-polymer ETHIDIUM 'C21 H20 N3 1'
SO4 non-polymer 'SULFATE ION' 'O4 S -2'
#
# COMPACT_ATOMS: atom_id res chain seq x y z
N LYS A 4 26.09 -16.92 -4.08
CA LYS A 4 25.12 -16.42 -3.07
C LYS A 4 24.59 -15.06 -3.50
N ASP A 5 25.49 -14.10 -3.67
CA ASP A 5 25.11 -12.74 -4.10
C ASP A 5 24.46 -12.75 -5.49
N LYS A 6 24.90 -13.69 -6.33
CA LYS A 6 24.28 -13.92 -7.65
C LYS A 6 22.80 -14.30 -7.53
N ILE A 7 22.46 -15.09 -6.52
CA ILE A 7 21.08 -15.52 -6.30
C ILE A 7 20.21 -14.41 -5.69
N LEU A 8 20.77 -13.63 -4.77
CA LEU A 8 20.01 -12.59 -4.05
C LEU A 8 19.55 -11.45 -4.96
N GLY A 9 20.48 -10.90 -5.74
CA GLY A 9 20.18 -9.77 -6.61
C GLY A 9 19.10 -10.07 -7.64
N VAL A 10 19.19 -11.22 -8.28
CA VAL A 10 18.16 -11.68 -9.20
C VAL A 10 16.84 -11.92 -8.47
N ALA A 11 16.92 -12.47 -7.26
CA ALA A 11 15.75 -12.64 -6.42
C ALA A 11 15.12 -11.28 -6.14
N LYS A 12 15.95 -10.31 -5.77
CA LYS A 12 15.49 -8.96 -5.42
C LYS A 12 14.67 -8.33 -6.54
N GLU A 13 15.24 -8.28 -7.74
CA GLU A 13 14.62 -7.57 -8.85
C GLU A 13 13.39 -8.29 -9.39
N LEU A 14 13.41 -9.63 -9.35
CA LEU A 14 12.26 -10.42 -9.74
C LEU A 14 11.06 -10.19 -8.81
N PHE A 15 11.34 -10.06 -7.51
CA PHE A 15 10.30 -9.73 -6.55
C PHE A 15 9.79 -8.30 -6.72
N ILE A 16 10.70 -7.38 -7.05
CA ILE A 16 10.31 -5.98 -7.29
C ILE A 16 9.38 -5.85 -8.51
N LYS A 17 9.68 -6.61 -9.56
CA LYS A 17 8.96 -6.50 -10.83
C LYS A 17 7.67 -7.32 -10.86
N ASN A 18 7.70 -8.53 -10.28
CA ASN A 18 6.58 -9.47 -10.37
C ASN A 18 5.91 -9.83 -9.05
N GLY A 19 6.49 -9.39 -7.93
CA GLY A 19 5.98 -9.76 -6.62
C GLY A 19 6.37 -11.18 -6.23
N TYR A 20 5.86 -11.63 -5.09
CA TYR A 20 6.30 -12.89 -4.49
C TYR A 20 5.84 -14.14 -5.25
N ASN A 21 4.52 -14.33 -5.30
CA ASN A 21 3.92 -15.54 -5.88
C ASN A 21 4.32 -15.83 -7.33
N ALA A 22 4.39 -14.77 -8.13
CA ALA A 22 4.69 -14.91 -9.56
C ALA A 22 6.14 -15.29 -9.83
N THR A 23 7.03 -14.92 -8.91
CA THR A 23 8.45 -15.28 -9.03
C THR A 23 8.65 -16.72 -8.55
N THR A 24 8.96 -17.63 -9.47
CA THR A 24 9.20 -19.03 -9.13
C THR A 24 10.67 -19.28 -8.82
N THR A 25 10.89 -20.28 -7.97
CA THR A 25 12.24 -20.69 -7.59
C THR A 25 13.08 -21.04 -8.82
N GLY A 26 12.45 -21.73 -9.77
CA GLY A 26 13.09 -22.07 -11.04
C GLY A 26 13.58 -20.88 -11.84
N GLU A 27 12.75 -19.84 -11.94
CA GLU A 27 13.12 -18.63 -12.68
C GLU A 27 14.31 -17.92 -12.06
N ILE A 28 14.40 -17.96 -10.74
CA ILE A 28 15.56 -17.43 -10.03
C ILE A 28 16.78 -18.28 -10.37
N VAL A 29 16.63 -19.59 -10.25
CA VAL A 29 17.69 -20.55 -10.59
C VAL A 29 18.09 -20.50 -12.07
N LYS A 30 17.15 -20.12 -12.94
CA LYS A 30 17.36 -20.02 -14.38
C LYS A 30 18.28 -18.85 -14.73
N LEU A 31 17.88 -17.65 -14.34
CA LEU A 31 18.61 -16.43 -14.69
C LEU A 31 19.90 -16.26 -13.87
N SER A 32 19.95 -16.84 -12.67
CA SER A 32 21.13 -16.73 -11.81
C SER A 32 22.12 -17.90 -11.97
N GLU A 33 21.97 -18.66 -13.05
CA GLU A 33 22.92 -19.72 -13.44
C GLU A 33 23.38 -20.59 -12.27
N SER A 34 22.42 -21.28 -11.64
CA SER A 34 22.70 -22.13 -10.48
C SER A 34 21.61 -23.17 -10.28
N SER A 35 21.97 -24.28 -9.65
CA SER A 35 21.04 -25.39 -9.42
C SER A 35 19.98 -25.06 -8.37
N LYS A 36 18.91 -25.86 -8.33
CA LYS A 36 17.92 -25.78 -7.26
C LYS A 36 18.52 -26.24 -5.93
N GLY A 37 19.51 -27.13 -6.01
CA GLY A 37 20.26 -27.60 -4.85
C GLY A 37 21.29 -26.61 -4.33
N ASN A 38 21.73 -25.69 -5.19
CA ASN A 38 22.67 -24.62 -4.78
C ASN A 38 21.95 -23.50 -4.01
N LEU A 39 20.68 -23.26 -4.34
CA LEU A 39 19.84 -22.29 -3.60
C LEU A 39 19.50 -22.83 -2.22
N TYR A 40 19.22 -24.14 -2.16
CA TYR A 40 19.17 -24.89 -0.91
C TYR A 40 20.58 -24.90 -0.30
N TYR A 41 20.67 -25.09 1.01
CA TYR A 41 21.95 -25.07 1.72
C TYR A 41 22.36 -23.63 2.02
N HIS A 42 22.37 -22.79 0.99
CA HIS A 42 22.53 -21.35 1.19
C HIS A 42 21.27 -20.72 1.78
N PHE A 43 20.11 -21.08 1.24
CA PHE A 43 18.84 -20.46 1.65
C PHE A 43 17.73 -21.42 2.08
N LYS A 44 17.90 -22.72 1.87
CA LYS A 44 16.89 -23.73 2.20
C LYS A 44 15.57 -23.57 1.43
N THR A 45 14.84 -22.50 1.71
CA THR A 45 13.53 -22.27 1.11
C THR A 45 13.36 -20.85 0.56
N LYS A 46 12.42 -20.70 -0.37
CA LYS A 46 12.07 -19.41 -0.98
C LYS A 46 11.63 -18.35 0.06
N GLU A 47 10.87 -18.78 1.05
CA GLU A 47 10.45 -17.86 2.12
C GLU A 47 11.67 -17.42 2.90
N ASN A 48 12.55 -18.36 3.23
CA ASN A 48 13.78 -18.01 3.93
C ASN A 48 14.67 -17.10 3.08
N LEU A 49 14.72 -17.34 1.78
CA LEU A 49 15.41 -16.45 0.85
C LEU A 49 14.85 -15.03 0.96
N PHE A 50 13.53 -14.92 0.99
CA PHE A 50 12.86 -13.62 1.03
C PHE A 50 13.17 -12.85 2.31
N LEU A 51 13.13 -13.55 3.44
CA LEU A 51 13.43 -12.92 4.74
C LEU A 51 14.88 -12.43 4.83
N GLU A 52 15.80 -13.16 4.20
CA GLU A 52 17.19 -12.71 4.19
C GLU A 52 17.37 -11.46 3.33
N ILE A 53 16.61 -11.34 2.25
CA ILE A 53 16.64 -10.14 1.42
C ILE A 53 16.11 -8.93 2.20
N LEU A 54 15.01 -9.12 2.93
CA LEU A 54 14.42 -8.03 3.72
C LEU A 54 15.32 -7.57 4.85
N ASN A 55 15.99 -8.54 5.50
CA ASN A 55 17.00 -8.25 6.53
C ASN A 55 18.11 -7.34 5.98
N ILE A 56 18.66 -7.71 4.83
CA ILE A 56 19.69 -6.91 4.18
C ILE A 56 19.14 -5.53 3.77
N GLU A 57 17.94 -5.51 3.18
CA GLU A 57 17.31 -4.25 2.74
C GLU A 57 17.14 -3.25 3.88
N GLU A 58 16.71 -3.74 5.03
CA GLU A 58 16.50 -2.86 6.18
C GLU A 58 17.82 -2.24 6.65
N SER A 59 18.88 -3.03 6.69
CA SER A 59 20.20 -2.55 7.07
C SER A 59 20.68 -1.48 6.10
N LYS A 60 20.67 -1.81 4.81
CA LYS A 60 21.08 -0.87 3.79
C LYS A 60 20.31 0.45 3.93
N TRP A 61 18.99 0.36 4.02
CA TRP A 61 18.16 1.53 4.29
C TRP A 61 18.58 2.25 5.57
N GLN A 62 18.78 1.49 6.64
CA GLN A 62 19.16 2.06 7.93
C GLN A 62 20.50 2.81 7.86
N GLU A 63 21.48 2.23 7.19
CA GLU A 63 22.77 2.87 7.00
C GLU A 63 22.61 4.13 6.18
N GLN A 64 21.85 4.03 5.10
CA GLN A 64 21.62 5.16 4.21
C GLN A 64 21.03 6.34 4.99
N TRP A 65 20.09 6.04 5.88
CA TRP A 65 19.45 7.08 6.68
C TRP A 65 20.36 7.58 7.81
N LYS A 66 21.12 6.67 8.44
CA LYS A 66 22.14 7.05 9.42
C LYS A 66 23.05 8.17 8.90
N SER A 67 23.50 8.06 7.66
CA SER A 67 24.39 9.08 7.11
C SER A 67 23.62 10.30 6.61
N GLU A 68 22.39 10.11 6.15
CA GLU A 68 21.64 11.21 5.54
C GLU A 68 21.06 12.19 6.55
N GLN A 69 20.48 11.67 7.64
CA GLN A 69 19.85 12.52 8.65
C GLN A 69 20.77 13.62 9.21
N ILE A 70 22.08 13.36 9.24
CA ILE A 70 23.05 14.39 9.66
C ILE A 70 22.84 15.69 8.88
N LYS A 71 22.42 15.58 7.62
CA LYS A 71 22.20 16.73 6.75
C LYS A 71 21.01 17.65 7.13
N ALA A 72 20.16 17.20 8.04
CA ALA A 72 19.01 18.01 8.49
C ALA A 72 19.18 18.46 9.95
N LYS A 73 19.31 19.76 10.17
CA LYS A 73 19.51 20.30 11.52
C LYS A 73 18.35 19.94 12.46
N THR A 74 17.18 20.51 12.22
CA THR A 74 16.04 20.32 13.12
C THR A 74 15.32 19.02 12.76
N ASN A 75 14.53 18.51 13.68
CA ASN A 75 13.78 17.27 13.44
C ASN A 75 12.61 17.47 12.47
N ARG A 76 12.13 18.70 12.39
CA ARG A 76 11.15 19.10 11.38
C ARG A 76 11.70 18.84 9.98
N GLU A 77 12.95 19.23 9.77
CA GLU A 77 13.64 18.97 8.51
C GLU A 77 13.95 17.49 8.31
N LYS A 78 14.19 16.77 9.39
CA LYS A 78 14.49 15.34 9.29
C LYS A 78 13.27 14.59 8.78
N PHE A 79 12.08 15.04 9.21
CA PHE A 79 10.80 14.47 8.75
C PHE A 79 10.64 14.67 7.25
N TYR A 80 10.75 15.93 6.80
CA TYR A 80 10.67 16.26 5.39
C TYR A 80 11.62 15.39 4.62
N LEU A 81 12.89 15.44 5.02
CA LEU A 81 13.99 14.75 4.32
C LEU A 81 13.82 13.25 4.30
N TYR A 82 13.54 12.65 5.45
CA TYR A 82 13.28 11.21 5.51
C TYR A 82 12.25 10.82 4.48
N ASN A 83 11.14 11.56 4.47
CA ASN A 83 10.02 11.28 3.56
C ASN A 83 10.41 11.42 2.08
N GLU A 84 11.27 12.38 1.77
CA GLU A 84 11.76 12.54 0.41
C GLU A 84 12.67 11.39 0.01
N LEU A 85 13.51 10.93 0.93
CA LEU A 85 14.45 9.85 0.61
C LEU A 85 13.71 8.56 0.29
N SER A 86 12.62 8.30 1.00
CA SER A 86 11.84 7.08 0.80
C SER A 86 11.36 6.99 -0.65
N LEU A 87 11.18 8.13 -1.31
CA LEU A 87 10.86 8.15 -2.73
C LEU A 87 12.06 7.70 -3.55
N THR A 88 13.19 8.36 -3.32
CA THR A 88 14.38 8.20 -4.15
C THR A 88 15.17 6.92 -3.88
N THR A 89 15.07 6.38 -2.67
CA THR A 89 15.93 5.27 -2.25
C THR A 89 15.73 4.03 -3.10
N GLN A 90 16.76 3.19 -3.15
CA GLN A 90 16.63 1.89 -3.81
C GLN A 90 16.42 0.77 -2.79
N TYR A 91 16.42 1.12 -1.51
CA TYR A 91 16.30 0.14 -0.45
C TYR A 91 14.92 0.10 0.21
N TYR A 92 14.35 -1.10 0.28
CA TYR A 92 13.18 -1.42 1.12
C TYR A 92 11.84 -1.01 0.52
N TYR A 93 11.70 0.28 0.20
CA TYR A 93 10.45 0.80 -0.33
C TYR A 93 10.04 0.25 -1.71
N PRO A 94 11.01 -0.08 -2.59
CA PRO A 94 10.64 -0.75 -3.84
C PRO A 94 10.12 -2.19 -3.69
N LEU A 95 10.24 -2.78 -2.50
CA LEU A 95 9.78 -4.16 -2.26
C LEU A 95 8.46 -4.25 -1.49
N GLN A 96 7.81 -3.11 -1.22
CA GLN A 96 6.62 -3.08 -0.37
C GLN A 96 5.48 -3.94 -0.88
N ASN A 97 5.24 -3.89 -2.17
CA ASN A 97 4.22 -4.74 -2.79
C ASN A 97 4.44 -6.20 -2.45
N ALA A 98 5.67 -6.67 -2.65
CA ALA A 98 6.04 -8.05 -2.32
C ALA A 98 5.94 -8.32 -0.82
N ILE A 99 6.35 -7.35 0.01
CA ILE A 99 6.26 -7.49 1.46
C ILE A 99 4.81 -7.71 1.91
N ILE A 100 3.89 -6.82 1.51
CA ILE A 100 2.47 -7.04 1.85
C ILE A 100 1.92 -8.31 1.21
N GLU A 101 2.41 -8.67 0.03
CA GLU A 101 1.98 -9.92 -0.58
C GLU A 101 2.46 -11.11 0.25
N PHE A 102 3.71 -11.05 0.69
CA PHE A 102 4.29 -12.10 1.52
C PHE A 102 3.70 -12.09 2.92
N TYR A 103 3.49 -10.89 3.47
CA TYR A 103 3.00 -10.76 4.84
C TYR A 103 1.67 -11.48 5.02
N THR A 104 0.73 -11.21 4.12
CA THR A 104 -0.64 -11.67 4.29
C THR A 104 -0.78 -13.19 4.21
N GLU A 105 0.07 -13.84 3.43
CA GLU A 105 0.05 -15.30 3.31
C GLU A 105 0.56 -16.00 4.58
N TYR A 106 1.76 -15.62 5.01
CA TYR A 106 2.44 -16.28 6.12
C TYR A 106 2.27 -15.57 7.46
N TYR A 107 1.23 -14.75 7.62
CA TYR A 107 0.97 -14.12 8.92
C TYR A 107 0.47 -15.13 9.96
N LYS A 108 -0.08 -16.25 9.50
CA LYS A 108 -0.50 -17.33 10.39
C LYS A 108 0.71 -18.05 11.01
N THR A 109 1.75 -18.30 10.20
CA THR A 109 2.99 -18.89 10.71
C THR A 109 3.79 -17.86 11.51
N ASN A 110 4.01 -18.14 12.80
CA ASN A 110 4.61 -17.17 13.73
C ASN A 110 6.14 -17.11 13.68
N SER A 111 6.77 -18.16 13.17
CA SER A 111 8.23 -18.20 13.01
C SER A 111 8.71 -17.00 12.19
N ILE A 112 7.97 -16.68 11.14
CA ILE A 112 8.33 -15.57 10.25
C ILE A 112 7.50 -14.31 10.45
N ASN A 113 6.33 -14.43 11.10
CA ASN A 113 5.56 -13.26 11.52
C ASN A 113 6.38 -12.40 12.50
N GLU A 114 6.84 -13.01 13.58
CA GLU A 114 7.68 -12.34 14.57
C GLU A 114 8.87 -11.64 13.92
N LYS A 115 9.52 -12.35 13.01
CA LYS A 115 10.66 -11.79 12.27
C LYS A 115 10.27 -10.54 11.49
N MET A 116 9.07 -10.53 10.93
CA MET A 116 8.59 -9.39 10.13
C MET A 116 8.16 -8.20 10.99
N ASN A 117 7.63 -8.47 12.18
CA ASN A 117 7.37 -7.42 13.17
C ASN A 117 8.67 -6.79 13.63
N LYS A 118 9.68 -7.63 13.85
CA LYS A 118 11.03 -7.16 14.16
C LYS A 118 11.49 -6.17 13.09
N LEU A 119 11.36 -6.55 11.82
CA LEU A 119 11.72 -5.66 10.71
C LEU A 119 10.79 -4.45 10.63
N GLU A 120 9.52 -4.67 10.97
CA GLU A 120 8.54 -3.59 10.97
C GLU A 120 8.87 -2.54 12.02
N ASN A 121 9.23 -2.97 13.22
CA ASN A 121 9.55 -2.05 14.31
C ASN A 121 10.67 -1.06 13.97
N LYS A 122 11.70 -1.53 13.29
CA LYS A 122 12.86 -0.70 12.95
C LYS A 122 12.50 0.37 11.90
N TYR A 123 11.69 -0.02 10.92
CA TYR A 123 11.20 0.89 9.87
C TYR A 123 10.30 2.01 10.43
N ILE A 124 9.65 1.74 11.57
CA ILE A 124 8.87 2.73 12.30
C ILE A 124 9.74 3.56 13.26
N ASP A 125 10.72 2.90 13.87
CA ASP A 125 11.57 3.55 14.88
C ASP A 125 12.19 4.86 14.40
N ALA A 126 12.60 4.92 13.14
CA ALA A 126 13.06 6.17 12.55
C ALA A 126 12.15 7.36 12.90
N TYR A 127 10.85 7.14 12.77
CA TYR A 127 9.85 8.19 13.08
C TYR A 127 9.74 8.46 14.58
N HIS A 128 9.82 7.40 15.37
CA HIS A 128 9.84 7.52 16.83
C HIS A 128 10.92 8.51 17.28
N VAL A 129 12.15 8.31 16.79
CA VAL A 129 13.27 9.18 17.18
C VAL A 129 12.99 10.63 16.79
N ILE A 130 12.67 10.85 15.53
CA ILE A 130 12.30 12.18 15.02
C ILE A 130 11.28 12.89 15.93
N PHE A 131 10.21 12.20 16.30
CA PHE A 131 9.16 12.81 17.12
C PHE A 131 9.55 12.93 18.59
N LYS A 132 10.23 11.91 19.13
CA LYS A 132 10.74 12.00 20.50
C LYS A 132 11.72 13.15 20.63
N GLU A 133 12.57 13.35 19.62
CA GLU A 133 13.56 14.42 19.63
C GLU A 133 12.90 15.79 19.49
N GLY A 134 11.94 15.90 18.56
CA GLY A 134 11.14 17.12 18.42
C GLY A 134 10.53 17.53 19.73
N ASN A 135 9.87 16.59 20.41
CA ASN A 135 9.35 16.84 21.75
C ASN A 135 10.39 17.48 22.67
N LEU A 136 11.58 16.89 22.72
CA LEU A 136 12.64 17.36 23.62
C LEU A 136 13.17 18.75 23.27
N ASN A 137 13.25 19.05 21.98
CA ASN A 137 13.75 20.35 21.50
C ASN A 137 12.64 21.35 21.15
N GLY A 138 11.45 21.15 21.69
CA GLY A 138 10.38 22.15 21.63
C GLY A 138 9.79 22.45 20.27
N GLU A 139 10.01 21.55 19.31
CA GLU A 139 9.49 21.76 17.96
C GLU A 139 8.00 21.47 17.85
N TRP A 140 7.48 20.68 18.78
CA TRP A 140 6.07 20.33 18.82
C TRP A 140 5.74 19.60 20.13
N SER A 141 4.46 19.31 20.35
CA SER A 141 4.02 18.52 21.51
C SER A 141 3.21 17.32 21.07
N ILE A 142 3.71 16.12 21.38
CA ILE A 142 3.02 14.87 21.05
C ILE A 142 2.95 13.98 22.30
N ASN A 143 1.75 13.54 22.64
CA ASN A 143 1.54 12.71 23.83
C ASN A 143 1.61 11.22 23.52
N ASP A 144 1.44 10.86 22.24
CA ASP A 144 1.55 9.47 21.82
C ASP A 144 2.43 9.40 20.56
N VAL A 145 3.73 9.46 20.79
CA VAL A 145 4.73 9.37 19.73
C VAL A 145 4.64 8.02 19.01
N ASN A 146 4.29 6.97 19.75
CA ASN A 146 4.14 5.65 19.15
C ASN A 146 3.04 5.61 18.11
N ALA A 147 1.89 6.18 18.43
CA ALA A 147 0.77 6.22 17.49
C ALA A 147 1.11 7.09 16.28
N VAL A 148 1.63 8.30 16.54
CA VAL A 148 1.96 9.23 15.45
C VAL A 148 3.08 8.68 14.55
N SER A 149 3.97 7.87 15.12
CA SER A 149 5.02 7.22 14.34
C SER A 149 4.40 6.19 13.42
N LYS A 150 3.57 5.30 13.99
CA LYS A 150 2.87 4.29 13.18
C LYS A 150 2.12 4.93 12.01
N ILE A 151 1.39 6.02 12.28
CA ILE A 151 0.59 6.70 11.26
C ILE A 151 1.48 7.31 10.18
N ALA A 152 2.48 8.10 10.61
CA ALA A 152 3.40 8.72 9.66
C ALA A 152 4.01 7.70 8.71
N ALA A 153 4.57 6.62 9.26
CA ALA A 153 5.25 5.62 8.45
C ALA A 153 4.32 5.11 7.36
N ASN A 154 3.17 4.60 7.78
CA ASN A 154 2.23 4.00 6.84
C ASN A 154 1.58 5.00 5.87
N ALA A 155 1.30 6.21 6.33
CA ALA A 155 0.81 7.26 5.44
C ALA A 155 1.82 7.51 4.32
N VAL A 156 3.07 7.73 4.71
CA VAL A 156 4.16 7.94 3.77
C VAL A 156 4.36 6.74 2.86
N ASN A 157 4.38 5.54 3.45
CA ASN A 157 4.56 4.31 2.67
C ASN A 157 3.45 4.22 1.64
N GLY A 158 2.28 4.75 2.00
CA GLY A 158 1.14 4.86 1.12
C GLY A 158 1.39 5.79 -0.05
N ILE A 159 1.91 6.98 0.23
CA ILE A 159 2.23 7.92 -0.84
C ILE A 159 3.28 7.30 -1.77
N VAL A 160 4.34 6.72 -1.19
CA VAL A 160 5.45 6.17 -1.96
C VAL A 160 4.98 5.06 -2.88
N THR A 161 4.25 4.09 -2.33
CA THR A 161 3.87 2.89 -3.07
C THR A 161 2.78 3.12 -4.12
N PHE A 162 1.77 3.92 -3.77
CA PHE A 162 0.55 4.01 -4.59
C PHE A 162 0.48 5.18 -5.58
N THR A 163 1.20 6.26 -5.32
CA THR A 163 1.15 7.42 -6.22
C THR A 163 1.64 7.08 -7.62
N GLU A 165 5.46 4.47 -15.02
CA GLU A 165 6.20 5.72 -14.85
C GLU A 165 5.48 6.72 -13.96
N GLN A 166 6.24 7.68 -13.44
CA GLN A 166 5.71 8.84 -12.71
C GLN A 166 6.86 9.83 -12.54
N ASN A 167 6.60 11.10 -12.78
CA ASN A 167 7.64 12.13 -12.70
C ASN A 167 8.20 12.23 -11.28
N ILE A 168 9.52 12.11 -11.14
CA ILE A 168 10.16 12.08 -9.84
C ILE A 168 10.09 13.42 -9.09
N ASN A 169 10.20 14.52 -9.82
CA ASN A 169 10.08 15.84 -9.21
C ASN A 169 8.67 16.10 -8.69
N GLU A 170 7.67 15.62 -9.41
CA GLU A 170 6.28 15.79 -9.01
C GLU A 170 5.96 15.01 -7.75
N ARG A 171 6.52 13.80 -7.64
CA ARG A 171 6.33 12.98 -6.45
C ARG A 171 6.91 13.67 -5.22
N ILE A 172 8.07 14.31 -5.40
CA ILE A 172 8.70 15.06 -4.31
C ILE A 172 7.85 16.26 -3.89
N LYS A 173 7.27 16.98 -4.86
CA LYS A 173 6.37 18.09 -4.55
C LYS A 173 5.17 17.60 -3.75
N LEU A 174 4.55 16.51 -4.19
CA LEU A 174 3.43 15.92 -3.47
C LEU A 174 3.81 15.50 -2.04
N MET A 175 4.99 14.88 -1.89
CA MET A 175 5.45 14.40 -0.57
C MET A 175 5.75 15.56 0.36
N ASN A 176 6.41 16.60 -0.16
CA ASN A 176 6.67 17.79 0.64
C ASN A 176 5.38 18.43 1.11
N LYS A 177 4.35 18.37 0.28
CA LYS A 177 3.04 18.91 0.64
C LYS A 177 2.43 18.09 1.76
N PHE A 178 2.52 16.77 1.65
CA PHE A 178 2.06 15.89 2.72
C PHE A 178 2.78 16.23 4.00
N SER A 179 4.11 16.28 3.90
CA SER A 179 4.99 16.53 5.04
C SER A 179 4.57 17.81 5.73
N GLN A 180 4.32 18.84 4.94
CA GLN A 180 3.83 20.12 5.44
C GLN A 180 2.48 19.98 6.14
N ILE A 181 1.52 19.36 5.48
CA ILE A 181 0.19 19.22 6.05
C ILE A 181 0.27 18.43 7.36
N PHE A 182 1.06 17.36 7.39
CA PHE A 182 1.13 16.54 8.60
C PHE A 182 1.72 17.33 9.77
N LEU A 183 2.92 17.90 9.59
CA LEU A 183 3.58 18.60 10.68
C LEU A 183 2.76 19.75 11.25
N ASN A 184 2.04 20.46 10.38
CA ASN A 184 1.20 21.57 10.83
C ASN A 184 -0.10 21.11 11.48
N GLY A 185 -0.45 19.84 11.28
CA GLY A 185 -1.56 19.21 12.00
C GLY A 185 -1.21 18.89 13.44
N LEU A 186 0.07 18.70 13.71
CA LEU A 186 0.56 18.52 15.09
C LEU A 186 0.49 19.85 15.80
N SER A 187 0.84 20.92 15.07
CA SER A 187 0.93 22.28 15.60
C SER A 187 -0.42 22.99 15.48
N LEU B 3 -24.34 -16.66 -18.42
CA LEU B 3 -23.49 -16.54 -19.65
C LEU B 3 -22.18 -15.84 -19.28
N LYS B 4 -22.02 -14.58 -19.70
CA LYS B 4 -20.86 -13.77 -19.30
C LYS B 4 -20.84 -13.60 -17.77
N ASP B 5 -22.03 -13.53 -17.19
CA ASP B 5 -22.21 -13.30 -15.76
C ASP B 5 -21.79 -14.50 -14.91
N LYS B 6 -22.02 -15.71 -15.42
CA LYS B 6 -21.65 -16.94 -14.70
C LYS B 6 -20.12 -17.08 -14.58
N ILE B 7 -19.40 -16.60 -15.58
CA ILE B 7 -17.94 -16.63 -15.57
C ILE B 7 -17.39 -15.65 -14.54
N LEU B 8 -17.96 -14.44 -14.53
CA LEU B 8 -17.63 -13.44 -13.53
C LEU B 8 -17.99 -13.91 -12.12
N GLY B 9 -19.16 -14.54 -12.00
CA GLY B 9 -19.63 -15.04 -10.70
C GLY B 9 -18.69 -16.03 -10.08
N VAL B 10 -18.35 -17.07 -10.84
CA VAL B 10 -17.46 -18.14 -10.39
C VAL B 10 -16.02 -17.65 -10.19
N ALA B 11 -15.53 -16.79 -11.07
CA ALA B 11 -14.18 -16.24 -10.95
C ALA B 11 -14.00 -15.49 -9.62
N LYS B 12 -14.98 -14.70 -9.21
CA LYS B 12 -14.93 -14.03 -7.92
C LYS B 12 -14.74 -15.06 -6.80
N GLU B 13 -15.57 -16.10 -6.79
CA GLU B 13 -15.52 -17.10 -5.73
C GLU B 13 -14.16 -17.80 -5.68
N LEU B 14 -13.66 -18.19 -6.84
CA LEU B 14 -12.34 -18.85 -6.91
C LEU B 14 -11.24 -17.89 -6.44
N PHE B 15 -11.28 -16.64 -6.90
CA PHE B 15 -10.32 -15.64 -6.43
C PHE B 15 -10.45 -15.43 -4.92
N ILE B 16 -11.67 -15.52 -4.38
CA ILE B 16 -11.90 -15.38 -2.94
C ILE B 16 -11.41 -16.62 -2.19
N LYS B 17 -11.76 -17.79 -2.69
CA LYS B 17 -11.38 -19.06 -2.06
C LYS B 17 -9.87 -19.27 -2.11
N ASN B 18 -9.28 -19.20 -3.31
CA ASN B 18 -7.89 -19.60 -3.52
C ASN B 18 -6.90 -18.50 -3.95
N GLY B 19 -7.39 -17.28 -4.13
CA GLY B 19 -6.54 -16.16 -4.55
C GLY B 19 -6.48 -16.00 -6.05
N TYR B 20 -5.76 -14.98 -6.52
CA TYR B 20 -5.66 -14.68 -7.94
C TYR B 20 -4.67 -15.57 -8.67
N ASN B 21 -3.49 -15.76 -8.08
CA ASN B 21 -2.41 -16.51 -8.74
C ASN B 21 -2.72 -18.00 -8.91
N ALA B 22 -3.25 -18.61 -7.86
CA ALA B 22 -3.54 -20.06 -7.87
C ALA B 22 -4.77 -20.40 -8.71
N THR B 23 -5.68 -19.42 -8.88
CA THR B 23 -6.86 -19.60 -9.71
C THR B 23 -6.46 -19.58 -11.18
N THR B 24 -6.83 -20.63 -11.93
CA THR B 24 -6.49 -20.73 -13.36
C THR B 24 -7.71 -20.45 -14.22
N THR B 25 -7.48 -20.29 -15.52
CA THR B 25 -8.58 -20.08 -16.46
C THR B 25 -9.34 -21.39 -16.68
N GLY B 26 -8.60 -22.50 -16.65
CA GLY B 26 -9.19 -23.83 -16.76
C GLY B 26 -10.17 -24.15 -15.65
N GLU B 27 -9.80 -23.81 -14.42
CA GLU B 27 -10.72 -23.94 -13.29
C GLU B 27 -12.00 -23.14 -13.55
N ILE B 28 -11.84 -21.85 -13.85
CA ILE B 28 -12.97 -20.96 -14.12
C ILE B 28 -13.87 -21.54 -15.21
N VAL B 29 -13.24 -22.06 -16.27
CA VAL B 29 -13.94 -22.65 -17.41
C VAL B 29 -14.85 -23.83 -17.04
N LYS B 30 -14.28 -24.84 -16.40
CA LYS B 30 -15.01 -26.08 -16.11
C LYS B 30 -16.21 -25.85 -15.19
N LEU B 31 -16.00 -25.03 -14.15
CA LEU B 31 -17.04 -24.74 -13.17
C LEU B 31 -18.14 -23.82 -13.73
N SER B 32 -17.81 -23.08 -14.78
CA SER B 32 -18.76 -22.20 -15.45
C SER B 32 -19.50 -22.89 -16.60
N GLU B 33 -19.16 -24.16 -16.86
CA GLU B 33 -19.77 -24.92 -17.96
C GLU B 33 -19.40 -24.31 -19.32
N SER B 34 -18.25 -23.64 -19.38
CA SER B 34 -17.84 -22.86 -20.54
C SER B 34 -16.58 -23.45 -21.17
N SER B 35 -15.87 -22.66 -21.98
CA SER B 35 -14.58 -23.06 -22.54
C SER B 35 -13.56 -21.91 -22.48
N LYS B 36 -12.28 -22.25 -22.69
CA LYS B 36 -11.20 -21.26 -22.77
C LYS B 36 -11.39 -20.33 -23.95
N GLY B 37 -12.02 -20.84 -25.01
CA GLY B 37 -12.34 -20.03 -26.18
C GLY B 37 -13.29 -18.90 -25.85
N ASN B 38 -14.39 -19.23 -25.17
CA ASN B 38 -15.38 -18.23 -24.77
C ASN B 38 -14.79 -17.18 -23.83
N LEU B 39 -14.03 -17.62 -22.84
CA LEU B 39 -13.38 -16.70 -21.90
C LEU B 39 -12.56 -15.68 -22.67
N TYR B 40 -11.67 -16.16 -23.53
CA TYR B 40 -10.83 -15.32 -24.35
C TYR B 40 -11.67 -14.28 -25.12
N TYR B 41 -12.77 -14.75 -25.73
CA TYR B 41 -13.67 -13.88 -26.51
C TYR B 41 -14.26 -12.73 -25.69
N HIS B 42 -14.72 -13.03 -24.48
CA HIS B 42 -15.38 -12.02 -23.65
C HIS B 42 -14.39 -11.10 -22.95
N PHE B 43 -13.34 -11.67 -22.38
CA PHE B 43 -12.44 -10.95 -21.47
C PHE B 43 -10.97 -10.96 -21.86
N LYS B 44 -10.63 -11.46 -23.05
CA LYS B 44 -9.24 -11.53 -23.52
C LYS B 44 -8.32 -12.33 -22.58
N THR B 45 -7.88 -11.72 -21.49
CA THR B 45 -6.90 -12.32 -20.57
C THR B 45 -7.56 -12.65 -19.24
N LYS B 46 -6.84 -13.36 -18.37
CA LYS B 46 -7.30 -13.55 -16.98
C LYS B 46 -7.26 -12.22 -16.26
N GLU B 47 -6.24 -11.41 -16.60
CA GLU B 47 -6.01 -10.13 -15.94
C GLU B 47 -7.16 -9.16 -16.21
N ASN B 48 -7.65 -9.16 -17.45
CA ASN B 48 -8.74 -8.27 -17.85
C ASN B 48 -10.08 -8.70 -17.24
N LEU B 49 -10.29 -10.00 -17.07
CA LEU B 49 -11.46 -10.54 -16.39
C LEU B 49 -11.52 -9.97 -14.97
N PHE B 50 -10.37 -10.01 -14.30
CA PHE B 50 -10.25 -9.51 -12.94
C PHE B 50 -10.53 -8.01 -12.83
N LEU B 51 -10.18 -7.24 -13.86
CA LEU B 51 -10.48 -5.81 -13.89
C LEU B 51 -11.98 -5.55 -14.05
N GLU B 52 -12.65 -6.38 -14.85
CA GLU B 52 -14.11 -6.31 -15.00
C GLU B 52 -14.82 -6.56 -13.68
N ILE B 53 -14.30 -7.51 -12.89
CA ILE B 53 -14.83 -7.80 -11.55
C ILE B 53 -14.61 -6.62 -10.59
N LEU B 54 -13.42 -6.02 -10.64
CA LEU B 54 -13.13 -4.87 -9.80
C LEU B 54 -13.98 -3.65 -10.19
N ASN B 55 -14.22 -3.46 -11.48
CA ASN B 55 -15.13 -2.41 -11.93
C ASN B 55 -16.52 -2.58 -11.32
N ILE B 56 -17.08 -3.78 -11.42
CA ILE B 56 -18.39 -4.06 -10.82
C ILE B 56 -18.37 -3.81 -9.31
N GLU B 57 -17.29 -4.26 -8.64
CA GLU B 57 -17.13 -4.01 -7.20
C GLU B 57 -17.04 -2.52 -6.88
N GLU B 58 -16.37 -1.75 -7.75
CA GLU B 58 -16.26 -0.30 -7.56
C GLU B 58 -17.64 0.37 -7.55
N SER B 59 -18.50 -0.07 -8.45
CA SER B 59 -19.87 0.45 -8.53
C SER B 59 -20.66 0.16 -7.27
N LYS B 60 -20.52 -1.05 -6.73
CA LYS B 60 -21.19 -1.43 -5.48
C LYS B 60 -20.68 -0.56 -4.34
N TRP B 61 -19.37 -0.34 -4.32
CA TRP B 61 -18.74 0.55 -3.34
C TRP B 61 -19.28 1.97 -3.48
N GLN B 62 -19.43 2.44 -4.71
CA GLN B 62 -19.94 3.79 -4.95
C GLN B 62 -21.38 3.95 -4.42
N GLU B 63 -22.20 2.92 -4.63
CA GLU B 63 -23.55 2.91 -4.08
C GLU B 63 -23.50 2.99 -2.56
N GLN B 64 -22.63 2.19 -1.95
CA GLN B 64 -22.54 2.14 -0.49
C GLN B 64 -22.13 3.48 0.10
N TRP B 65 -21.33 4.23 -0.65
CA TRP B 65 -20.89 5.55 -0.22
C TRP B 65 -21.98 6.59 -0.46
N LYS B 66 -22.76 6.42 -1.53
CA LYS B 66 -23.93 7.28 -1.80
C LYS B 66 -24.91 7.24 -0.64
N SER B 67 -25.11 6.05 -0.09
CA SER B 67 -26.03 5.83 1.03
C SER B 67 -25.43 6.28 2.35
N GLU B 68 -24.22 5.82 2.65
CA GLU B 68 -23.61 6.09 3.97
C GLU B 68 -23.24 7.57 4.16
N GLN B 69 -22.85 8.25 3.09
CA GLN B 69 -22.40 9.66 3.18
C GLN B 69 -23.52 10.64 3.55
N ILE B 70 -24.78 10.26 3.33
CA ILE B 70 -25.93 11.10 3.70
C ILE B 70 -25.93 11.42 5.20
N LYS B 71 -25.45 10.47 6.01
CA LYS B 71 -25.44 10.60 7.47
C LYS B 71 -24.37 11.56 8.02
N ALA B 72 -23.56 12.16 7.15
CA ALA B 72 -22.53 13.11 7.56
C ALA B 72 -22.87 14.50 7.07
N LYS B 73 -23.25 15.38 7.99
CA LYS B 73 -23.73 16.71 7.63
C LYS B 73 -22.65 17.57 6.95
N THR B 74 -21.52 17.75 7.62
CA THR B 74 -20.44 18.57 7.08
C THR B 74 -19.44 17.72 6.31
N ASN B 75 -18.69 18.35 5.41
CA ASN B 75 -17.67 17.63 4.63
C ASN B 75 -16.52 17.14 5.48
N ARG B 76 -16.21 17.90 6.54
CA ARG B 76 -15.22 17.49 7.52
C ARG B 76 -15.59 16.13 8.08
N GLU B 77 -16.87 15.93 8.37
CA GLU B 77 -17.37 14.65 8.89
C GLU B 77 -17.43 13.57 7.82
N LYS B 78 -17.61 13.97 6.55
CA LYS B 78 -17.60 13.01 5.46
C LYS B 78 -16.20 12.42 5.28
N PHE B 79 -15.16 13.23 5.49
CA PHE B 79 -13.76 12.81 5.39
C PHE B 79 -13.42 11.76 6.45
N TYR B 80 -13.78 12.04 7.69
CA TYR B 80 -13.58 11.08 8.79
C TYR B 80 -14.23 9.75 8.47
N LEU B 81 -15.47 9.82 7.98
CA LEU B 81 -16.27 8.62 7.72
C LEU B 81 -15.74 7.85 6.52
N TYR B 82 -15.34 8.56 5.47
CA TYR B 82 -14.78 7.90 4.29
C TYR B 82 -13.56 7.07 4.65
N ASN B 83 -12.65 7.69 5.40
CA ASN B 83 -11.44 7.02 5.84
C ASN B 83 -11.74 5.82 6.75
N GLU B 84 -12.63 6.01 7.71
CA GLU B 84 -12.95 4.95 8.68
C GLU B 84 -13.67 3.79 8.01
N LEU B 85 -14.51 4.12 7.04
CA LEU B 85 -15.25 3.13 6.29
C LEU B 85 -14.32 2.35 5.36
N SER B 86 -13.35 3.04 4.75
CA SER B 86 -12.32 2.38 3.95
C SER B 86 -11.61 1.32 4.78
N LEU B 87 -11.21 1.68 6.00
CA LEU B 87 -10.52 0.77 6.89
C LEU B 87 -11.40 -0.44 7.23
N THR B 88 -12.56 -0.17 7.83
CA THR B 88 -13.48 -1.23 8.29
C THR B 88 -13.90 -2.16 7.16
N THR B 89 -14.33 -1.59 6.04
CA THR B 89 -14.83 -2.38 4.91
C THR B 89 -13.77 -3.34 4.40
N GLN B 90 -12.57 -2.83 4.15
CA GLN B 90 -11.48 -3.68 3.65
C GLN B 90 -11.01 -4.73 4.67
N TYR B 91 -11.27 -4.49 5.95
CA TYR B 91 -10.88 -5.44 6.99
C TYR B 91 -11.53 -6.82 6.79
N TYR B 92 -12.80 -6.84 6.41
CA TYR B 92 -13.51 -8.11 6.17
C TYR B 92 -13.90 -8.33 4.70
N TYR B 93 -13.38 -7.52 3.80
CA TYR B 93 -13.65 -7.65 2.36
C TYR B 93 -12.86 -8.84 1.78
N PRO B 94 -13.58 -9.85 1.26
CA PRO B 94 -12.94 -11.11 0.89
C PRO B 94 -11.97 -11.01 -0.30
N LEU B 95 -12.33 -10.20 -1.30
CA LEU B 95 -11.46 -10.01 -2.47
C LEU B 95 -10.12 -9.35 -2.16
N GLN B 96 -10.00 -8.73 -0.99
CA GLN B 96 -8.81 -7.95 -0.67
C GLN B 96 -7.50 -8.71 -0.98
N ASN B 97 -7.38 -9.94 -0.48
CA ASN B 97 -6.17 -10.74 -0.74
C ASN B 97 -5.90 -10.92 -2.24
N ALA B 98 -6.95 -11.17 -3.03
CA ALA B 98 -6.79 -11.31 -4.48
C ALA B 98 -6.38 -9.99 -5.13
N ILE B 99 -6.92 -8.88 -4.62
CA ILE B 99 -6.55 -7.56 -5.13
C ILE B 99 -5.08 -7.26 -4.86
N ILE B 100 -4.61 -7.64 -3.67
CA ILE B 100 -3.22 -7.49 -3.28
C ILE B 100 -2.30 -8.26 -4.23
N GLU B 101 -2.66 -9.52 -4.49
CA GLU B 101 -1.88 -10.36 -5.41
C GLU B 101 -1.82 -9.76 -6.81
N PHE B 102 -2.96 -9.25 -7.27
CA PHE B 102 -3.07 -8.71 -8.61
C PHE B 102 -2.27 -7.42 -8.74
N TYR B 103 -2.52 -6.49 -7.83
CA TYR B 103 -1.83 -5.21 -7.82
C TYR B 103 -0.32 -5.41 -7.82
N THR B 104 0.16 -6.21 -6.87
CA THR B 104 1.59 -6.45 -6.72
C THR B 104 2.18 -7.10 -7.98
N GLU B 105 1.36 -7.89 -8.68
CA GLU B 105 1.77 -8.55 -9.91
C GLU B 105 1.73 -7.64 -11.15
N TYR B 106 0.82 -6.67 -11.16
CA TYR B 106 0.59 -5.84 -12.36
C TYR B 106 0.63 -4.32 -12.11
N TYR B 107 1.41 -3.89 -11.13
CA TYR B 107 1.65 -2.46 -10.91
C TYR B 107 2.77 -1.94 -11.82
N LYS B 108 3.41 -2.85 -12.57
CA LYS B 108 4.38 -2.48 -13.60
C LYS B 108 4.05 -3.22 -14.92
N THR B 109 2.98 -2.77 -15.58
CA THR B 109 2.57 -3.31 -16.89
C THR B 109 1.63 -2.32 -17.59
N ASN B 110 2.17 -1.59 -18.56
CA ASN B 110 1.48 -0.45 -19.20
C ASN B 110 0.04 -0.70 -19.68
N SER B 111 -0.22 -1.91 -20.19
CA SER B 111 -1.56 -2.25 -20.69
C SER B 111 -2.61 -2.24 -19.59
N ILE B 112 -2.33 -2.95 -18.49
CA ILE B 112 -3.25 -3.09 -17.35
C ILE B 112 -2.96 -2.04 -16.26
N ASN B 113 -1.83 -1.34 -16.37
CA ASN B 113 -1.47 -0.29 -15.41
C ASN B 113 -2.32 0.97 -15.60
N GLU B 114 -2.60 1.30 -16.86
CA GLU B 114 -3.47 2.44 -17.19
C GLU B 114 -4.91 2.22 -16.67
N LYS B 115 -5.43 1.00 -16.83
CA LYS B 115 -6.78 0.66 -16.38
C LYS B 115 -6.93 0.65 -14.85
N MET B 116 -5.89 0.15 -14.16
CA MET B 116 -5.81 0.21 -12.70
C MET B 116 -5.86 1.65 -12.21
N ASN B 117 -5.09 2.54 -12.86
CA ASN B 117 -5.12 3.96 -12.53
C ASN B 117 -6.51 4.56 -12.69
N LYS B 118 -7.19 4.20 -13.77
CA LYS B 118 -8.57 4.62 -14.01
C LYS B 118 -9.49 4.25 -12.86
N LEU B 119 -9.29 3.04 -12.31
CA LEU B 119 -10.09 2.54 -11.20
C LEU B 119 -9.76 3.21 -9.87
N GLU B 120 -8.46 3.32 -9.56
CA GLU B 120 -8.00 4.00 -8.35
C GLU B 120 -8.43 5.45 -8.32
N ASN B 121 -8.39 6.11 -9.47
CA ASN B 121 -8.79 7.52 -9.57
C ASN B 121 -10.24 7.77 -9.19
N LYS B 122 -11.09 6.76 -9.36
CA LYS B 122 -12.49 6.87 -8.94
C LYS B 122 -12.62 6.94 -7.41
N TYR B 123 -11.76 6.19 -6.71
CA TYR B 123 -11.72 6.25 -5.24
C TYR B 123 -11.16 7.59 -4.81
N ILE B 124 -10.19 8.09 -5.58
CA ILE B 124 -9.57 9.38 -5.30
C ILE B 124 -10.59 10.51 -5.48
N ASP B 125 -11.42 10.41 -6.52
CA ASP B 125 -12.44 11.44 -6.82
C ASP B 125 -13.44 11.68 -5.69
N ALA B 126 -13.74 10.65 -4.90
CA ALA B 126 -14.53 10.84 -3.68
C ALA B 126 -13.94 11.97 -2.84
N TYR B 127 -12.62 11.90 -2.59
CA TYR B 127 -11.89 12.95 -1.85
C TYR B 127 -12.00 14.32 -2.53
N HIS B 128 -11.96 14.35 -3.86
CA HIS B 128 -12.08 15.61 -4.61
C HIS B 128 -13.44 16.30 -4.33
N VAL B 129 -14.52 15.51 -4.30
CA VAL B 129 -15.83 16.07 -3.98
C VAL B 129 -15.79 16.71 -2.60
N ILE B 130 -15.40 15.91 -1.60
CA ILE B 130 -15.37 16.35 -0.20
C ILE B 130 -14.66 17.70 0.00
N PHE B 131 -13.45 17.84 -0.54
CA PHE B 131 -12.68 19.09 -0.40
C PHE B 131 -13.28 20.26 -1.18
N LYS B 132 -13.71 20.01 -2.42
CA LYS B 132 -14.34 21.06 -3.23
C LYS B 132 -15.58 21.59 -2.55
N GLU B 133 -16.42 20.67 -2.08
CA GLU B 133 -17.63 21.02 -1.35
C GLU B 133 -17.25 21.75 -0.05
N GLY B 134 -16.23 21.24 0.62
CA GLY B 134 -15.70 21.89 1.81
C GLY B 134 -15.25 23.32 1.57
N ASN B 135 -14.56 23.55 0.45
CA ASN B 135 -14.16 24.90 0.04
C ASN B 135 -15.37 25.82 -0.08
N LEU B 136 -16.37 25.38 -0.82
CA LEU B 136 -17.58 26.16 -1.04
C LEU B 136 -18.29 26.41 0.29
N ASN B 137 -18.45 25.34 1.07
CA ASN B 137 -19.20 25.38 2.34
C ASN B 137 -18.47 26.11 3.49
N GLY B 138 -17.32 26.71 3.20
CA GLY B 138 -16.58 27.50 4.18
C GLY B 138 -15.80 26.73 5.24
N GLU B 139 -15.70 25.41 5.11
CA GLU B 139 -15.08 24.58 6.16
C GLU B 139 -13.56 24.62 6.15
N TRP B 140 -12.98 24.97 5.00
CA TRP B 140 -11.54 25.14 4.85
C TRP B 140 -11.26 25.92 3.56
N SER B 141 -9.98 26.10 3.23
CA SER B 141 -9.58 26.73 1.98
C SER B 141 -8.34 26.05 1.44
N ILE B 142 -8.54 25.26 0.39
CA ILE B 142 -7.50 24.42 -0.17
C ILE B 142 -7.16 24.91 -1.57
N ASN B 143 -5.90 25.30 -1.78
CA ASN B 143 -5.43 25.77 -3.08
C ASN B 143 -5.51 24.70 -4.16
N ASP B 144 -4.83 23.57 -3.97
CA ASP B 144 -4.75 22.51 -4.98
C ASP B 144 -5.51 21.29 -4.50
N VAL B 145 -6.80 21.27 -4.81
CA VAL B 145 -7.68 20.17 -4.45
C VAL B 145 -7.22 18.87 -5.12
N ASN B 146 -6.72 18.98 -6.35
CA ASN B 146 -6.25 17.81 -7.10
C ASN B 146 -5.10 17.08 -6.38
N ALA B 147 -4.13 17.84 -5.91
CA ALA B 147 -2.96 17.29 -5.23
C ALA B 147 -3.36 16.74 -3.87
N VAL B 148 -4.01 17.58 -3.06
CA VAL B 148 -4.37 17.21 -1.71
C VAL B 148 -5.21 15.93 -1.64
N SER B 149 -6.06 15.70 -2.64
CA SER B 149 -6.90 14.50 -2.69
C SER B 149 -6.08 13.25 -2.99
N LYS B 150 -5.15 13.38 -3.94
CA LYS B 150 -4.21 12.30 -4.24
C LYS B 150 -3.44 11.93 -2.98
N ILE B 151 -3.01 12.95 -2.23
CA ILE B 151 -2.28 12.75 -0.98
C ILE B 151 -3.15 12.05 0.03
N ALA B 152 -4.33 12.61 0.31
CA ALA B 152 -5.27 12.01 1.27
C ALA B 152 -5.48 10.54 0.95
N ALA B 153 -5.87 10.27 -0.30
CA ALA B 153 -6.26 8.91 -0.67
C ALA B 153 -5.10 7.92 -0.50
N ASN B 154 -3.95 8.23 -1.09
CA ASN B 154 -2.80 7.36 -1.00
C ASN B 154 -2.29 7.18 0.44
N ALA B 155 -2.39 8.23 1.25
CA ALA B 155 -1.95 8.14 2.64
C ALA B 155 -2.88 7.22 3.41
N VAL B 156 -4.19 7.47 3.29
CA VAL B 156 -5.23 6.68 3.97
C VAL B 156 -5.09 5.22 3.56
N ASN B 157 -4.88 4.97 2.28
CA ASN B 157 -4.77 3.60 1.80
C ASN B 157 -3.53 2.90 2.32
N GLY B 158 -2.48 3.68 2.57
CA GLY B 158 -1.26 3.17 3.19
C GLY B 158 -1.55 2.67 4.58
N ILE B 159 -2.21 3.52 5.37
CA ILE B 159 -2.62 3.14 6.73
C ILE B 159 -3.48 1.87 6.69
N VAL B 160 -4.40 1.79 5.75
CA VAL B 160 -5.24 0.60 5.66
C VAL B 160 -4.42 -0.64 5.28
N THR B 161 -3.49 -0.49 4.35
CA THR B 161 -2.79 -1.63 3.76
C THR B 161 -1.62 -2.16 4.57
N PHE B 162 -0.85 -1.25 5.18
CA PHE B 162 0.40 -1.63 5.83
C PHE B 162 0.29 -1.87 7.34
N THR B 163 -0.75 -1.35 7.98
CA THR B 163 -0.87 -1.51 9.44
C THR B 163 -0.92 -2.99 9.82
N HIS B 164 0.21 -3.50 10.30
CA HIS B 164 0.34 -4.92 10.63
C HIS B 164 -0.12 -5.22 12.05
N GLU B 165 -0.33 -4.17 12.83
CA GLU B 165 -0.78 -4.31 14.21
C GLU B 165 -2.24 -4.78 14.27
N GLN B 166 -2.49 -5.88 14.96
CA GLN B 166 -3.85 -6.42 15.11
C GLN B 166 -4.75 -5.48 15.92
N ASN B 167 -5.85 -6.01 16.45
CA ASN B 167 -6.81 -5.24 17.24
C ASN B 167 -7.44 -4.10 16.44
N ILE B 168 -8.64 -4.34 15.92
CA ILE B 168 -9.32 -3.38 15.07
C ILE B 168 -9.77 -2.10 15.80
N ASN B 169 -9.90 -2.15 17.13
CA ASN B 169 -10.26 -0.94 17.89
C ASN B 169 -9.16 0.11 17.78
N GLU B 170 -7.91 -0.32 17.91
CA GLU B 170 -6.79 0.58 17.79
C GLU B 170 -6.65 1.09 16.35
N ARG B 171 -6.89 0.23 15.37
CA ARG B 171 -6.82 0.64 13.96
C ARG B 171 -7.76 1.80 13.65
N ILE B 172 -8.95 1.77 14.25
CA ILE B 172 -9.88 2.88 14.11
C ILE B 172 -9.35 4.12 14.84
N LYS B 173 -8.85 3.93 16.07
CA LYS B 173 -8.22 5.05 16.82
C LYS B 173 -7.12 5.77 16.01
N LEU B 174 -6.29 5.02 15.30
CA LEU B 174 -5.20 5.64 14.53
C LEU B 174 -5.70 6.35 13.27
N MET B 175 -6.66 5.74 12.58
CA MET B 175 -7.25 6.36 11.39
C MET B 175 -7.94 7.66 11.75
N ASN B 176 -8.68 7.64 12.85
CA ASN B 176 -9.31 8.84 13.34
C ASN B 176 -8.28 9.91 13.71
N LYS B 177 -7.21 9.51 14.36
CA LYS B 177 -6.16 10.45 14.69
C LYS B 177 -5.55 11.05 13.42
N PHE B 178 -5.26 10.19 12.43
CA PHE B 178 -4.73 10.69 11.17
C PHE B 178 -5.64 11.77 10.60
N SER B 179 -6.91 11.41 10.45
CA SER B 179 -7.91 12.31 9.90
C SER B 179 -7.91 13.65 10.64
N GLN B 180 -7.86 13.60 11.96
CA GLN B 180 -7.72 14.83 12.75
C GLN B 180 -6.47 15.63 12.38
N ILE B 181 -5.32 14.96 12.38
CA ILE B 181 -4.03 15.60 12.09
C ILE B 181 -4.04 16.21 10.69
N PHE B 182 -4.56 15.44 9.72
CA PHE B 182 -4.58 15.88 8.34
C PHE B 182 -5.44 17.14 8.12
N LEU B 183 -6.65 17.15 8.68
CA LEU B 183 -7.52 18.31 8.56
C LEU B 183 -6.99 19.50 9.35
N ASN B 184 -6.37 19.22 10.49
CA ASN B 184 -5.80 20.28 11.32
C ASN B 184 -4.66 21.00 10.61
N GLY B 185 -3.97 20.27 9.73
CA GLY B 185 -2.89 20.84 8.93
C GLY B 185 -3.34 21.62 7.71
N LEU B 186 -4.57 21.38 7.25
CA LEU B 186 -5.14 22.16 6.15
C LEU B 186 -5.48 23.57 6.59
N SER B 187 -5.88 23.74 7.86
CA SER B 187 -6.24 25.05 8.40
C SER B 187 -5.01 25.89 8.73
S SO4 C . 6.62 25.06 7.00
O1 SO4 C . 7.16 25.64 8.22
O2 SO4 C . 5.19 25.32 6.93
O3 SO4 C . 6.86 23.61 7.03
O4 SO4 C . 7.25 25.68 5.83
S SO4 D . -1.23 23.31 18.97
O1 SO4 D . -1.37 23.73 20.36
O2 SO4 D . -1.47 24.45 18.09
O3 SO4 D . -2.20 22.25 18.69
O4 SO4 D . 0.13 22.80 18.75
S SO4 E . -0.90 13.26 20.60
O1 SO4 E . -0.35 14.32 21.44
O2 SO4 E . -1.05 13.77 19.24
O3 SO4 E . -2.20 12.84 21.13
O4 SO4 E . 0.01 12.11 20.60
S SO4 F . 28.40 -20.65 -4.56
O1 SO4 F . 29.25 -20.74 -3.37
O2 SO4 F . 27.76 -19.33 -4.61
O3 SO4 F . 27.39 -21.70 -4.51
O4 SO4 F . 29.22 -20.83 -5.75
S SO4 G . 9.58 7.10 24.46
O1 SO4 G . 8.39 6.40 23.98
O2 SO4 G . 9.59 8.45 23.90
O3 SO4 G . 10.79 6.39 24.04
O4 SO4 G . 9.56 7.18 25.92
C1 ET H . -10.59 2.95 -0.86
C2 ET H . -11.70 2.33 -0.30
C3 ET H . -12.00 1.01 -0.63
C4 ET H . -11.19 0.32 -1.53
N5 ET H . -9.28 0.22 -3.01
C6 ET H . -8.16 0.85 -3.58
C7 ET H . -6.74 2.78 -3.84
C8 ET H . -6.40 4.09 -3.52
C9 ET H . -7.19 4.81 -2.62
C10 ET H . -8.31 4.20 -2.05
C11 ET H . -7.85 2.17 -3.26
C12 ET H . -8.65 2.87 -2.36
C13 ET H . -9.78 2.27 -1.78
C14 ET H . -10.08 0.94 -2.10
C15 ET H . -7.38 0.16 -4.49
C16 ET H . -6.19 -0.44 -4.10
C17 ET H . -5.41 -1.09 -5.06
C18 ET H . -5.84 -1.14 -6.39
C19 ET H . -7.02 -0.53 -6.78
C20 ET H . -7.79 0.14 -5.82
C21 ET H . -9.61 -1.18 -3.38
C22 ET H . -9.09 -2.17 -2.33
N23 ET H . -13.06 0.41 -0.10
N24 ET H . -5.34 4.66 -4.09
S SO4 I . -18.33 -29.35 -19.77
O1 SO4 I . -18.12 -28.96 -18.37
O2 SO4 I . -19.30 -28.45 -20.38
O3 SO4 I . -18.82 -30.72 -19.83
O4 SO4 I . -17.07 -29.26 -20.50
S SO4 J . -13.38 21.63 -9.85
O1 SO4 J . -12.96 21.89 -8.47
O2 SO4 J . -14.01 22.83 -10.40
O3 SO4 J . -14.32 20.53 -9.90
O4 SO4 J . -12.20 21.29 -10.65
S SO4 K . -10.41 28.62 5.99
O1 SO4 K . -9.76 29.89 6.31
O2 SO4 K . -11.43 28.84 4.97
O3 SO4 K . -11.04 28.09 7.20
O4 SO4 K . -9.41 27.67 5.50
#